data_1QZG
#
_entry.id   1QZG
#
_cell.length_a   106.741
_cell.length_b   37.757
_cell.length_c   106.785
_cell.angle_alpha   90.00
_cell.angle_beta   92.13
_cell.angle_gamma   90.00
#
_symmetry.space_group_name_H-M   'C 1 2 1'
#
loop_
_entity.id
_entity.type
_entity.pdbx_description
1 polymer 'telomeric single-stranded DNA'
2 polymer 'Protection of telomeres protein 1'
3 non-polymer "THYMIDINE-5'-PHOSPHATE"
4 water water
#
loop_
_entity_poly.entity_id
_entity_poly.type
_entity_poly.pdbx_seq_one_letter_code
_entity_poly.pdbx_strand_id
1 'polydeoxyribonucleotide' (DG)(DG)(DT)(DT)(DA) C,D
2 'polypeptide(L)'
;GPGGEDVIDSLQLNELLNAGEYKIGELTFQSIRSSQELQKKNTIVNLFGIVKDFTPSRQSLHGTKDWVTTVYLWDPTCDT
SSIGLQIHLFSKQGNDLPVIKQVGQPLLLHQITLRSYRDRTQGLSKDQFRYALWPDFSSNSKDTLCPQPMPRLMKTGDKE
EQFALLLNKIWDEQTNKHKNGELLSTS
;
A,B
#
# COMPACT_ATOMS: atom_id res chain seq x y z
N VAL C 7 -27.43 -15.06 -8.99
CA VAL C 7 -26.12 -14.93 -8.28
C VAL C 7 -25.19 -16.06 -8.69
N ILE C 8 -23.94 -15.74 -8.99
CA ILE C 8 -22.98 -16.75 -9.41
C ILE C 8 -22.11 -17.30 -8.28
N ASP C 9 -21.68 -18.55 -8.44
CA ASP C 9 -20.81 -19.20 -7.48
C ASP C 9 -19.46 -19.46 -8.14
N SER C 10 -18.48 -19.92 -7.36
CA SER C 10 -17.13 -20.14 -7.90
C SER C 10 -17.02 -20.99 -9.16
N LEU C 11 -17.87 -22.00 -9.30
CA LEU C 11 -17.83 -22.85 -10.49
C LEU C 11 -18.12 -22.06 -11.76
N GLN C 12 -19.20 -21.28 -11.73
CA GLN C 12 -19.59 -20.47 -12.88
C GLN C 12 -18.49 -19.48 -13.23
N LEU C 13 -17.89 -18.89 -12.19
CA LEU C 13 -16.81 -17.93 -12.39
C LEU C 13 -15.71 -18.61 -13.21
N ASN C 14 -15.31 -19.79 -12.80
CA ASN C 14 -14.26 -20.53 -13.50
C ASN C 14 -14.59 -20.84 -14.96
N GLU C 15 -15.84 -21.23 -15.24
CA GLU C 15 -16.24 -21.55 -16.61
C GLU C 15 -16.16 -20.29 -17.44
N LEU C 16 -16.61 -19.20 -16.85
CA LEU C 16 -16.58 -17.89 -17.50
C LEU C 16 -15.14 -17.62 -17.95
N LEU C 17 -14.22 -17.60 -16.98
CA LEU C 17 -12.81 -17.34 -17.28
C LEU C 17 -12.20 -18.33 -18.27
N ASN C 18 -12.52 -19.61 -18.11
CA ASN C 18 -11.99 -20.62 -19.01
C ASN C 18 -12.35 -20.37 -20.47
N ALA C 19 -13.40 -19.58 -20.70
CA ALA C 19 -13.82 -19.29 -22.07
C ALA C 19 -12.92 -18.27 -22.74
N GLY C 20 -11.98 -17.72 -21.97
CA GLY C 20 -11.07 -16.72 -22.54
C GLY C 20 -11.73 -15.35 -22.47
N GLU C 21 -12.82 -15.18 -23.21
CA GLU C 21 -13.56 -13.94 -23.23
C GLU C 21 -14.89 -14.17 -22.52
N TYR C 22 -15.29 -13.22 -21.68
CA TYR C 22 -16.55 -13.37 -20.96
C TYR C 22 -17.23 -12.05 -20.69
N LYS C 23 -18.54 -12.08 -20.51
CA LYS C 23 -19.28 -10.86 -20.27
C LYS C 23 -19.79 -10.77 -18.84
N ILE C 24 -19.81 -9.55 -18.32
CA ILE C 24 -20.32 -9.20 -17.02
C ILE C 24 -21.10 -7.93 -17.30
N GLY C 25 -22.40 -7.92 -17.08
CA GLY C 25 -23.14 -6.72 -17.40
C GLY C 25 -22.96 -6.36 -18.86
N GLU C 26 -22.64 -5.11 -19.12
CA GLU C 26 -22.50 -4.61 -20.48
C GLU C 26 -21.08 -4.74 -21.06
N LEU C 27 -20.12 -5.15 -20.23
CA LEU C 27 -18.73 -5.27 -20.71
C LEU C 27 -18.21 -6.67 -20.91
N THR C 28 -17.34 -6.79 -21.91
CA THR C 28 -16.71 -8.05 -22.24
C THR C 28 -15.27 -7.98 -21.72
N PHE C 29 -14.86 -9.02 -21.00
CA PHE C 29 -13.51 -9.08 -20.45
C PHE C 29 -12.70 -10.20 -21.06
N GLN C 30 -11.39 -10.11 -20.86
CA GLN C 30 -10.51 -11.16 -21.31
C GLN C 30 -9.80 -11.70 -20.08
N SER C 31 -9.78 -13.03 -19.95
CA SER C 31 -9.14 -13.66 -18.79
C SER C 31 -7.67 -13.26 -18.80
N ILE C 32 -7.03 -13.27 -17.63
CA ILE C 32 -5.63 -12.89 -17.58
C ILE C 32 -4.74 -13.80 -18.42
N ARG C 33 -4.97 -15.10 -18.32
CA ARG C 33 -4.15 -16.04 -19.09
C ARG C 33 -4.18 -15.76 -20.59
N SER C 34 -5.37 -15.56 -21.15
CA SER C 34 -5.46 -15.28 -22.59
C SER C 34 -4.82 -13.95 -22.90
N SER C 35 -4.94 -13.00 -21.98
CA SER C 35 -4.34 -11.69 -22.19
C SER C 35 -2.81 -11.79 -22.20
N GLN C 36 -2.27 -12.81 -21.55
CA GLN C 36 -0.83 -12.98 -21.51
C GLN C 36 -0.29 -13.59 -22.81
N GLU C 37 -1.18 -14.09 -23.65
CA GLU C 37 -0.78 -14.68 -24.92
C GLU C 37 -0.07 -13.62 -25.76
N LEU C 38 1.05 -13.99 -26.37
CA LEU C 38 1.78 -13.04 -27.20
C LEU C 38 1.02 -12.78 -28.48
N GLN C 39 0.82 -11.50 -28.79
CA GLN C 39 0.10 -11.11 -29.99
C GLN C 39 0.96 -10.19 -30.84
N LYS C 40 0.78 -10.27 -32.15
CA LYS C 40 1.56 -9.43 -33.05
C LYS C 40 0.97 -8.02 -33.06
N LYS C 41 -0.35 -7.91 -33.04
CA LYS C 41 -1.01 -6.62 -33.03
C LYS C 41 -1.71 -6.27 -31.72
N ASN C 42 -1.52 -5.03 -31.27
CA ASN C 42 -2.11 -4.52 -30.04
C ASN C 42 -3.64 -4.57 -30.08
N THR C 43 -4.25 -4.83 -28.93
CA THR C 43 -5.71 -4.86 -28.82
C THR C 43 -6.11 -4.10 -27.54
N ILE C 44 -7.36 -3.66 -27.46
CA ILE C 44 -7.86 -2.95 -26.29
C ILE C 44 -8.84 -3.88 -25.58
N VAL C 45 -8.65 -4.05 -24.28
CA VAL C 45 -9.52 -4.95 -23.52
C VAL C 45 -9.96 -4.41 -22.18
N ASN C 46 -10.82 -5.17 -21.53
CA ASN C 46 -11.31 -4.86 -20.19
C ASN C 46 -10.82 -6.03 -19.37
N LEU C 47 -10.38 -5.75 -18.14
CA LEU C 47 -9.85 -6.78 -17.27
C LEU C 47 -10.50 -6.71 -15.91
N PHE C 48 -10.47 -7.84 -15.21
CA PHE C 48 -11.06 -7.94 -13.89
C PHE C 48 -10.25 -9.01 -13.19
N GLY C 49 -9.43 -8.59 -12.23
CA GLY C 49 -8.59 -9.55 -11.53
C GLY C 49 -8.31 -9.12 -10.11
N ILE C 50 -7.33 -9.78 -9.50
CA ILE C 50 -6.93 -9.47 -8.15
C ILE C 50 -5.57 -8.83 -8.25
N VAL C 51 -5.33 -7.79 -7.46
CA VAL C 51 -4.04 -7.14 -7.48
C VAL C 51 -3.06 -8.05 -6.77
N LYS C 52 -2.09 -8.58 -7.52
CA LYS C 52 -1.09 -9.47 -6.94
C LYS C 52 0.15 -8.70 -6.52
N ASP C 53 0.32 -7.49 -7.06
CA ASP C 53 1.43 -6.62 -6.71
C ASP C 53 1.12 -5.26 -7.32
N PHE C 54 1.74 -4.21 -6.79
CA PHE C 54 1.47 -2.88 -7.30
C PHE C 54 2.57 -1.92 -6.88
N THR C 55 2.57 -0.75 -7.50
CA THR C 55 3.52 0.31 -7.20
C THR C 55 2.69 1.56 -7.01
N PRO C 56 2.80 2.21 -5.84
CA PRO C 56 2.04 3.44 -5.53
C PRO C 56 2.23 4.50 -6.61
N SER C 57 1.19 5.28 -6.86
CA SER C 57 1.21 6.33 -7.86
C SER C 57 2.34 7.33 -7.65
N ARG C 58 2.90 7.83 -8.74
CA ARG C 58 3.96 8.84 -8.69
C ARG C 58 4.12 9.41 -10.10
N GLN C 59 4.81 10.55 -10.23
CA GLN C 59 4.98 11.14 -11.55
C GLN C 59 6.18 10.58 -12.30
N SER C 60 5.97 10.27 -13.58
CA SER C 60 7.05 9.75 -14.41
C SER C 60 8.08 10.86 -14.48
N LEU C 61 9.36 10.49 -14.54
CA LEU C 61 10.43 11.48 -14.59
C LEU C 61 10.68 11.98 -16.00
N HIS C 62 10.36 11.15 -16.99
CA HIS C 62 10.61 11.53 -18.36
C HIS C 62 9.40 11.50 -19.27
N GLY C 63 9.66 11.66 -20.57
CA GLY C 63 8.59 11.67 -21.55
C GLY C 63 7.60 12.75 -21.18
N THR C 64 6.32 12.45 -21.33
CA THR C 64 5.28 13.42 -21.01
C THR C 64 5.08 13.50 -19.51
N LYS C 65 5.86 12.72 -18.77
CA LYS C 65 5.81 12.73 -17.33
C LYS C 65 4.43 12.50 -16.74
N ASP C 66 3.70 11.51 -17.27
CA ASP C 66 2.36 11.23 -16.75
C ASP C 66 2.40 10.61 -15.37
N TRP C 67 1.31 10.77 -14.64
CA TRP C 67 1.20 10.11 -13.36
C TRP C 67 1.15 8.63 -13.71
N VAL C 68 1.80 7.79 -12.91
CA VAL C 68 1.79 6.36 -13.23
C VAL C 68 1.71 5.45 -12.03
N THR C 69 1.03 4.33 -12.21
CA THR C 69 0.91 3.32 -11.19
C THR C 69 0.99 2.00 -11.93
N THR C 70 1.63 1.02 -11.34
CA THR C 70 1.77 -0.30 -11.96
C THR C 70 1.04 -1.30 -11.10
N VAL C 71 0.34 -2.23 -11.74
CA VAL C 71 -0.36 -3.28 -11.02
C VAL C 71 -0.11 -4.59 -11.77
N TYR C 72 -0.09 -5.67 -11.01
CA TYR C 72 0.03 -6.99 -11.58
C TYR C 72 -1.29 -7.63 -11.28
N LEU C 73 -2.05 -7.94 -12.32
CA LEU C 73 -3.37 -8.53 -12.17
C LEU C 73 -3.35 -10.03 -12.35
N TRP C 74 -4.07 -10.70 -11.47
CA TRP C 74 -4.14 -12.15 -11.47
C TRP C 74 -5.59 -12.61 -11.47
N ASP C 75 -5.82 -13.81 -12.00
CA ASP C 75 -7.16 -14.39 -11.94
C ASP C 75 -6.93 -15.90 -11.95
N PRO C 76 -7.94 -16.70 -11.61
CA PRO C 76 -7.82 -18.16 -11.57
C PRO C 76 -7.26 -18.87 -12.81
N THR C 77 -7.05 -18.16 -13.91
CA THR C 77 -6.51 -18.84 -15.08
C THR C 77 -4.99 -18.89 -15.11
N CYS C 78 -4.37 -18.11 -14.24
CA CYS C 78 -2.92 -18.15 -14.10
C CYS C 78 -2.65 -19.08 -12.93
N ASP C 79 -1.39 -19.27 -12.57
CA ASP C 79 -1.08 -20.12 -11.44
C ASP C 79 -0.59 -19.26 -10.26
N THR C 80 -0.74 -19.76 -9.04
CA THR C 80 -0.31 -19.01 -7.84
C THR C 80 1.14 -18.60 -8.00
N SER C 81 1.82 -19.21 -8.99
CA SER C 81 3.25 -19.01 -9.21
C SER C 81 3.61 -17.83 -10.10
N SER C 82 2.68 -17.50 -10.98
CA SER C 82 2.83 -16.32 -11.83
C SER C 82 2.17 -15.20 -11.08
N ILE C 83 2.74 -14.04 -11.22
CA ILE C 83 2.31 -12.81 -10.57
C ILE C 83 1.21 -12.14 -11.36
N GLY C 84 1.14 -12.55 -12.62
CA GLY C 84 0.13 -12.08 -13.54
C GLY C 84 0.62 -11.11 -14.64
N LEU C 85 -0.37 -10.45 -15.18
CA LEU C 85 -0.20 -9.47 -16.24
C LEU C 85 0.23 -8.11 -15.68
N GLN C 86 1.39 -7.63 -16.13
CA GLN C 86 1.89 -6.33 -15.72
C GLN C 86 1.14 -5.25 -16.48
N ILE C 87 0.59 -4.26 -15.75
CA ILE C 87 -0.17 -3.19 -16.37
C ILE C 87 0.28 -1.84 -15.84
N HIS C 88 0.59 -0.93 -16.77
CA HIS C 88 0.96 0.42 -16.37
C HIS C 88 -0.25 1.31 -16.61
N LEU C 89 -0.67 1.93 -15.51
CA LEU C 89 -1.80 2.84 -15.61
C LEU C 89 -1.27 4.28 -15.61
N PHE C 90 -1.63 5.08 -16.60
CA PHE C 90 -1.16 6.46 -16.68
C PHE C 90 -2.27 7.47 -16.66
N SER C 91 -1.92 8.70 -16.29
CA SER C 91 -2.89 9.78 -16.31
C SER C 91 -2.18 11.08 -16.66
N LYS C 92 -2.74 11.78 -17.63
CA LYS C 92 -2.22 13.05 -18.10
C LYS C 92 -3.16 14.14 -17.59
N GLN C 93 -4.12 13.75 -16.77
CA GLN C 93 -5.11 14.69 -16.22
C GLN C 93 -5.06 14.77 -14.71
N GLY C 94 -3.86 14.70 -14.15
CA GLY C 94 -3.73 14.75 -12.70
C GLY C 94 -3.67 13.34 -12.14
N ASN C 95 -3.35 13.23 -10.86
CA ASN C 95 -3.25 11.91 -10.24
C ASN C 95 -4.61 11.38 -9.80
N ASP C 96 -5.34 10.79 -10.75
CA ASP C 96 -6.65 10.24 -10.46
C ASP C 96 -6.63 8.73 -10.67
N LEU C 97 -5.46 8.13 -10.48
CA LEU C 97 -5.27 6.70 -10.65
C LEU C 97 -5.76 5.92 -9.44
N PRO C 98 -6.01 4.61 -9.62
CA PRO C 98 -6.48 3.78 -8.52
C PRO C 98 -5.52 3.91 -7.34
N VAL C 99 -6.06 4.05 -6.15
CA VAL C 99 -5.25 4.15 -4.95
C VAL C 99 -5.38 2.77 -4.32
N ILE C 100 -4.37 1.94 -4.52
CA ILE C 100 -4.38 0.58 -4.01
C ILE C 100 -3.69 0.50 -2.67
N LYS C 101 -4.31 -0.21 -1.74
CA LYS C 101 -3.70 -0.30 -0.43
C LYS C 101 -2.99 -1.62 -0.18
N GLN C 102 -3.49 -2.71 -0.73
CA GLN C 102 -2.83 -3.99 -0.52
C GLN C 102 -3.18 -5.03 -1.55
N VAL C 103 -2.29 -6.01 -1.68
CA VAL C 103 -2.45 -7.13 -2.57
C VAL C 103 -3.73 -7.86 -2.15
N GLY C 104 -4.48 -8.37 -3.11
CA GLY C 104 -5.71 -9.07 -2.79
C GLY C 104 -6.96 -8.29 -3.19
N GLN C 105 -6.82 -7.00 -3.46
CA GLN C 105 -7.97 -6.20 -3.85
C GLN C 105 -8.43 -6.46 -5.28
N PRO C 106 -9.74 -6.68 -5.47
CA PRO C 106 -10.27 -6.92 -6.82
C PRO C 106 -10.22 -5.59 -7.57
N LEU C 107 -9.78 -5.64 -8.82
CA LEU C 107 -9.69 -4.45 -9.65
C LEU C 107 -10.23 -4.71 -11.04
N LEU C 108 -11.16 -3.87 -11.45
CA LEU C 108 -11.77 -3.94 -12.78
C LEU C 108 -11.21 -2.77 -13.60
N LEU C 109 -10.63 -3.08 -14.76
CA LEU C 109 -10.09 -2.05 -15.63
C LEU C 109 -10.81 -2.01 -16.96
N HIS C 110 -11.22 -0.82 -17.37
CA HIS C 110 -11.92 -0.63 -18.64
C HIS C 110 -11.04 0.17 -19.60
N GLN C 111 -10.68 -0.44 -20.73
CA GLN C 111 -9.87 0.21 -21.78
C GLN C 111 -8.37 0.13 -21.51
N ILE C 112 -7.81 -1.07 -21.65
CA ILE C 112 -6.40 -1.28 -21.46
C ILE C 112 -5.82 -1.86 -22.74
N THR C 113 -4.78 -1.24 -23.26
CA THR C 113 -4.12 -1.73 -24.47
C THR C 113 -3.17 -2.87 -24.09
N LEU C 114 -3.22 -3.96 -24.85
CA LEU C 114 -2.34 -5.10 -24.62
C LEU C 114 -1.30 -5.03 -25.74
N ARG C 115 -0.03 -5.08 -25.37
CA ARG C 115 1.03 -5.05 -26.37
C ARG C 115 2.25 -5.84 -25.91
N SER C 116 3.14 -6.15 -26.85
CA SER C 116 4.34 -6.90 -26.57
C SER C 116 5.52 -6.02 -26.17
N TYR C 117 6.30 -6.50 -25.21
CA TYR C 117 7.48 -5.79 -24.75
C TYR C 117 8.42 -6.81 -24.13
N ARG C 118 9.67 -6.78 -24.57
CA ARG C 118 10.68 -7.70 -24.08
C ARG C 118 10.15 -9.13 -23.96
N ASP C 119 9.45 -9.59 -25.00
CA ASP C 119 8.92 -10.95 -25.03
C ASP C 119 7.87 -11.27 -23.97
N ARG C 120 7.03 -10.31 -23.62
CA ARG C 120 5.97 -10.53 -22.65
C ARG C 120 4.86 -9.56 -22.98
N THR C 121 3.61 -9.96 -22.74
CA THR C 121 2.51 -9.06 -23.01
C THR C 121 2.41 -8.12 -21.81
N GLN C 122 2.17 -6.86 -22.09
CA GLN C 122 2.09 -5.83 -21.07
C GLN C 122 0.85 -5.00 -21.32
N GLY C 123 0.24 -4.49 -20.26
CA GLY C 123 -0.93 -3.66 -20.43
C GLY C 123 -0.54 -2.21 -20.26
N LEU C 124 -1.13 -1.38 -21.10
CA LEU C 124 -0.90 0.09 -21.11
C LEU C 124 -2.27 0.72 -21.16
N SER C 125 -2.63 1.50 -20.14
CA SER C 125 -3.93 2.13 -20.11
C SER C 125 -4.17 3.10 -21.26
N LYS C 126 -5.40 3.15 -21.74
CA LYS C 126 -5.81 4.14 -22.73
C LYS C 126 -5.99 5.42 -21.96
N ASP C 127 -5.87 6.56 -22.62
CA ASP C 127 -6.04 7.85 -21.96
C ASP C 127 -7.31 7.98 -21.13
N GLN C 128 -8.41 7.44 -21.64
CA GLN C 128 -9.68 7.54 -20.95
C GLN C 128 -10.10 6.31 -20.16
N PHE C 129 -9.14 5.49 -19.74
CA PHE C 129 -9.50 4.28 -19.00
C PHE C 129 -10.28 4.60 -17.73
N ARG C 130 -11.11 3.64 -17.31
CA ARG C 130 -11.91 3.75 -16.11
C ARG C 130 -11.64 2.54 -15.24
N TYR C 131 -12.05 2.59 -13.98
CA TYR C 131 -11.82 1.47 -13.09
C TYR C 131 -12.76 1.40 -11.89
N ALA C 132 -12.80 0.22 -11.29
CA ALA C 132 -13.58 -0.02 -10.08
C ALA C 132 -12.62 -0.83 -9.21
N LEU C 133 -12.53 -0.47 -7.93
CA LEU C 133 -11.64 -1.11 -6.98
C LEU C 133 -12.45 -1.56 -5.75
N TRP C 134 -12.24 -2.79 -5.31
CA TRP C 134 -12.95 -3.33 -4.15
C TRP C 134 -12.03 -3.58 -2.96
N PRO C 135 -12.61 -3.77 -1.76
CA PRO C 135 -11.76 -4.02 -0.60
C PRO C 135 -11.24 -5.44 -0.70
N ASP C 136 -10.19 -5.73 0.07
CA ASP C 136 -9.73 -7.10 0.12
C ASP C 136 -10.62 -7.79 1.14
N PHE C 137 -11.76 -8.30 0.69
CA PHE C 137 -12.76 -8.90 1.58
C PHE C 137 -12.21 -9.89 2.59
N SER C 138 -11.32 -10.76 2.15
CA SER C 138 -10.73 -11.79 3.00
C SER C 138 -9.83 -11.27 4.10
N SER C 139 -9.63 -9.96 4.14
CA SER C 139 -8.74 -9.39 5.13
C SER C 139 -9.42 -9.10 6.47
N ASN C 140 -8.66 -9.19 7.55
CA ASN C 140 -9.19 -8.90 8.87
C ASN C 140 -9.31 -7.38 8.95
N SER C 141 -8.34 -6.70 8.35
CA SER C 141 -8.33 -5.23 8.31
C SER C 141 -9.65 -4.78 7.70
N LYS C 142 -10.15 -3.64 8.13
CA LYS C 142 -11.42 -3.18 7.59
C LYS C 142 -11.32 -1.91 6.78
N ASP C 143 -10.09 -1.41 6.60
CA ASP C 143 -9.88 -0.21 5.81
C ASP C 143 -8.96 -0.50 4.63
N THR C 144 -9.17 -1.63 3.98
CA THR C 144 -8.34 -1.99 2.82
C THR C 144 -8.66 -1.12 1.61
N LEU C 145 -9.91 -0.73 1.44
CA LEU C 145 -10.30 0.13 0.33
C LEU C 145 -10.35 1.59 0.78
N CYS C 146 -9.34 2.37 0.45
CA CYS C 146 -9.34 3.77 0.86
C CYS C 146 -10.05 4.68 -0.15
N PRO C 147 -10.27 5.95 0.24
CA PRO C 147 -10.95 6.89 -0.67
C PRO C 147 -10.27 6.96 -2.03
N GLN C 148 -11.08 6.88 -3.08
CA GLN C 148 -10.58 6.90 -4.45
C GLN C 148 -10.90 8.20 -5.18
N PRO C 149 -10.00 8.62 -6.10
CA PRO C 149 -10.23 9.86 -6.87
C PRO C 149 -11.47 9.53 -7.70
N MET C 150 -12.29 10.53 -7.99
CA MET C 150 -13.52 10.25 -8.71
C MET C 150 -13.49 10.19 -10.23
N PRO C 151 -12.72 11.02 -10.91
CA PRO C 151 -12.80 11.11 -12.38
C PRO C 151 -12.63 9.84 -13.16
N ARG C 152 -11.92 8.80 -12.72
CA ARG C 152 -11.99 7.57 -13.52
C ARG C 152 -12.90 6.44 -12.97
N LEU C 153 -13.63 6.67 -11.89
CA LEU C 153 -14.45 5.63 -11.28
C LEU C 153 -15.66 5.23 -12.09
N MET C 154 -15.93 3.92 -12.13
CA MET C 154 -17.06 3.38 -12.83
C MET C 154 -18.12 3.01 -11.82
N LYS C 155 -19.38 3.27 -12.14
CA LYS C 155 -20.45 2.89 -11.24
C LYS C 155 -20.63 1.41 -11.51
N THR C 156 -20.73 0.62 -10.45
CA THR C 156 -20.90 -0.82 -10.60
C THR C 156 -22.08 -1.26 -9.74
N GLY C 157 -22.56 -2.47 -10.01
CA GLY C 157 -23.68 -3.00 -9.25
C GLY C 157 -23.38 -4.30 -8.53
N ASP C 158 -24.40 -5.13 -8.36
CA ASP C 158 -24.22 -6.40 -7.67
C ASP C 158 -23.53 -7.49 -8.48
N LYS C 159 -23.76 -7.51 -9.79
CA LYS C 159 -23.13 -8.52 -10.64
C LYS C 159 -21.60 -8.43 -10.53
N GLU C 160 -21.07 -7.22 -10.65
CA GLU C 160 -19.63 -7.01 -10.56
C GLU C 160 -19.17 -7.26 -9.13
N GLU C 161 -20.04 -6.93 -8.18
CA GLU C 161 -19.75 -7.11 -6.76
C GLU C 161 -19.56 -8.59 -6.42
N GLN C 162 -20.40 -9.43 -6.99
CA GLN C 162 -20.32 -10.86 -6.73
C GLN C 162 -19.06 -11.42 -7.36
N PHE C 163 -18.79 -10.99 -8.59
CA PHE C 163 -17.60 -11.44 -9.31
C PHE C 163 -16.37 -11.11 -8.47
N ALA C 164 -16.34 -9.90 -7.91
CA ALA C 164 -15.22 -9.44 -7.09
C ALA C 164 -15.11 -10.28 -5.83
N LEU C 165 -16.24 -10.52 -5.19
CA LEU C 165 -16.29 -11.32 -3.97
C LEU C 165 -15.70 -12.69 -4.24
N LEU C 166 -16.13 -13.31 -5.33
CA LEU C 166 -15.65 -14.63 -5.71
C LEU C 166 -14.16 -14.63 -6.04
N LEU C 167 -13.70 -13.65 -6.81
CA LEU C 167 -12.29 -13.56 -7.17
C LEU C 167 -11.42 -13.51 -5.93
N ASN C 168 -11.79 -12.63 -5.00
CA ASN C 168 -11.03 -12.48 -3.77
C ASN C 168 -11.03 -13.79 -2.99
N LYS C 169 -12.19 -14.41 -2.88
CA LYS C 169 -12.32 -15.68 -2.17
C LYS C 169 -11.38 -16.73 -2.75
N ILE C 170 -11.42 -16.90 -4.08
CA ILE C 170 -10.58 -17.89 -4.75
C ILE C 170 -9.10 -17.52 -4.53
N TRP C 171 -8.79 -16.25 -4.71
CA TRP C 171 -7.43 -15.78 -4.51
C TRP C 171 -7.00 -16.17 -3.11
N ASP C 172 -7.84 -15.88 -2.13
CA ASP C 172 -7.53 -16.20 -0.74
C ASP C 172 -7.33 -17.70 -0.52
N GLU C 173 -8.25 -18.53 -1.01
CA GLU C 173 -8.12 -19.97 -0.82
C GLU C 173 -6.79 -20.47 -1.36
N GLN C 174 -6.35 -19.88 -2.48
CA GLN C 174 -5.12 -20.29 -3.12
C GLN C 174 -3.85 -19.64 -2.57
N THR C 175 -3.99 -18.68 -1.68
CA THR C 175 -2.83 -18.00 -1.11
C THR C 175 -2.74 -18.15 0.41
N ASN C 176 -3.90 -18.21 1.05
CA ASN C 176 -3.97 -18.35 2.51
C ASN C 176 -2.99 -19.37 3.07
N VAL D 7 23.83 -7.37 19.86
CA VAL D 7 24.28 -7.09 21.25
C VAL D 7 23.80 -5.71 21.67
N ILE D 8 24.23 -4.69 20.94
CA ILE D 8 23.80 -3.34 21.26
C ILE D 8 22.29 -3.35 21.01
N ASP D 9 21.87 -4.09 19.99
CA ASP D 9 20.45 -4.16 19.68
C ASP D 9 19.62 -4.78 20.80
N SER D 10 20.06 -5.90 21.35
CA SER D 10 19.32 -6.52 22.44
C SER D 10 19.30 -5.54 23.60
N LEU D 11 20.39 -4.80 23.77
CA LEU D 11 20.50 -3.82 24.83
C LEU D 11 19.52 -2.66 24.62
N GLN D 12 19.41 -2.19 23.38
CA GLN D 12 18.48 -1.10 23.08
C GLN D 12 17.07 -1.60 23.31
N LEU D 13 16.84 -2.86 22.96
CA LEU D 13 15.55 -3.49 23.15
C LEU D 13 15.23 -3.52 24.65
N ASN D 14 16.25 -3.83 25.45
CA ASN D 14 16.08 -3.89 26.89
C ASN D 14 15.61 -2.55 27.45
N GLU D 15 16.24 -1.47 27.01
CA GLU D 15 15.88 -0.13 27.49
C GLU D 15 14.54 0.29 26.92
N LEU D 16 14.26 -0.12 25.69
CA LEU D 16 13.00 0.21 25.06
C LEU D 16 11.88 -0.34 25.93
N LEU D 17 12.00 -1.62 26.27
CA LEU D 17 11.00 -2.30 27.07
C LEU D 17 11.04 -1.94 28.55
N ASN D 18 12.20 -1.57 29.06
CA ASN D 18 12.30 -1.23 30.47
C ASN D 18 12.19 0.26 30.76
N ALA D 19 13.03 1.07 30.11
CA ALA D 19 13.01 2.51 30.32
C ALA D 19 11.98 3.24 29.47
N GLY D 20 11.61 2.66 28.34
CA GLY D 20 10.62 3.30 27.46
C GLY D 20 11.21 4.44 26.66
N GLU D 21 12.53 4.53 26.65
CA GLU D 21 13.26 5.56 25.94
C GLU D 21 14.64 5.00 25.64
N TYR D 22 15.12 5.19 24.41
CA TYR D 22 16.42 4.66 24.01
C TYR D 22 17.03 5.51 22.91
N LYS D 23 18.34 5.40 22.74
CA LYS D 23 19.05 6.15 21.72
C LYS D 23 19.67 5.26 20.67
N ILE D 24 19.43 5.60 19.42
CA ILE D 24 19.98 4.93 18.24
C ILE D 24 20.65 6.04 17.47
N GLY D 25 21.95 5.89 17.23
CA GLY D 25 22.70 6.92 16.54
C GLY D 25 22.70 8.14 17.43
N GLU D 26 22.36 9.27 16.85
CA GLU D 26 22.33 10.55 17.58
C GLU D 26 20.94 10.90 18.13
N LEU D 27 19.94 10.07 17.84
CA LEU D 27 18.59 10.37 18.32
C LEU D 27 18.08 9.54 19.48
N THR D 28 17.24 10.16 20.30
CA THR D 28 16.61 9.51 21.44
C THR D 28 15.16 9.26 21.05
N PHE D 29 14.71 8.02 21.22
CA PHE D 29 13.36 7.66 20.87
C PHE D 29 12.49 7.33 22.07
N GLN D 30 11.20 7.61 21.95
CA GLN D 30 10.26 7.30 23.02
C GLN D 30 9.46 6.09 22.54
N SER D 31 9.27 5.12 23.43
CA SER D 31 8.53 3.92 23.08
C SER D 31 7.10 4.29 22.71
N ILE D 32 6.46 3.45 21.90
CA ILE D 32 5.08 3.70 21.49
C ILE D 32 4.18 3.71 22.72
N ARG D 33 4.39 2.76 23.63
CA ARG D 33 3.57 2.65 24.82
C ARG D 33 3.59 3.94 25.65
N SER D 34 4.77 4.48 25.91
CA SER D 34 4.87 5.70 26.69
C SER D 34 4.24 6.86 25.93
N SER D 35 4.46 6.91 24.62
CA SER D 35 3.89 7.97 23.81
C SER D 35 2.37 7.94 23.83
N GLN D 36 1.78 6.77 24.07
CA GLN D 36 0.32 6.66 24.10
C GLN D 36 -0.33 7.11 25.39
N GLU D 37 0.48 7.46 26.39
CA GLU D 37 -0.07 7.92 27.67
C GLU D 37 -0.68 9.31 27.53
N LEU D 38 -1.81 9.52 28.19
CA LEU D 38 -2.49 10.81 28.12
C LEU D 38 -1.65 11.89 28.82
N GLN D 39 -1.22 12.88 28.03
CA GLN D 39 -0.41 13.99 28.51
C GLN D 39 -1.17 15.31 28.33
N LYS D 40 -1.21 16.15 29.37
CA LYS D 40 -1.91 17.42 29.25
C LYS D 40 -1.15 18.41 28.37
N LYS D 41 0.16 18.26 28.28
CA LYS D 41 0.98 19.15 27.46
C LYS D 41 1.51 18.41 26.23
N ASN D 42 1.53 19.10 25.10
CA ASN D 42 2.03 18.52 23.86
C ASN D 42 3.54 18.39 23.93
N THR D 43 4.08 17.33 23.34
CA THR D 43 5.52 17.10 23.35
C THR D 43 6.03 16.67 21.97
N ILE D 44 7.29 17.01 21.68
CA ILE D 44 7.90 16.64 20.40
C ILE D 44 8.85 15.48 20.66
N VAL D 45 8.75 14.43 19.84
CA VAL D 45 9.58 13.25 20.02
C VAL D 45 10.04 12.62 18.72
N ASN D 46 10.76 11.52 18.86
CA ASN D 46 11.24 10.74 17.73
C ASN D 46 10.68 9.35 17.96
N LEU D 47 10.26 8.71 16.88
CA LEU D 47 9.66 7.39 16.98
C LEU D 47 10.30 6.44 15.99
N PHE D 48 10.27 5.16 16.36
CA PHE D 48 10.86 4.12 15.53
C PHE D 48 9.99 2.90 15.80
N GLY D 49 9.23 2.49 14.80
CA GLY D 49 8.37 1.34 14.96
C GLY D 49 8.04 0.68 13.64
N ILE D 50 7.03 -0.19 13.67
CA ILE D 50 6.59 -0.91 12.47
C ILE D 50 5.22 -0.38 12.06
N VAL D 51 5.04 -0.20 10.75
CA VAL D 51 3.78 0.28 10.21
C VAL D 51 2.75 -0.82 10.37
N LYS D 52 1.73 -0.56 11.18
CA LYS D 52 0.67 -1.53 11.45
C LYS D 52 -0.53 -1.27 10.55
N ASP D 53 -0.60 -0.05 10.03
CA ASP D 53 -1.66 0.38 9.13
C ASP D 53 -1.26 1.74 8.60
N PHE D 54 -1.81 2.13 7.45
CA PHE D 54 -1.44 3.39 6.84
C PHE D 54 -2.49 3.83 5.82
N THR D 55 -2.39 5.06 5.39
CA THR D 55 -3.28 5.60 4.39
C THR D 55 -2.37 6.25 3.37
N PRO D 56 -2.44 5.79 2.11
CA PRO D 56 -1.60 6.36 1.05
C PRO D 56 -1.71 7.89 1.04
N SER D 57 -0.62 8.54 0.64
CA SER D 57 -0.54 9.99 0.57
C SER D 57 -1.57 10.60 -0.38
N ARG D 58 -2.00 11.82 -0.06
CA ARG D 58 -2.95 12.56 -0.89
C ARG D 58 -3.05 13.96 -0.30
N GLN D 59 -3.55 14.90 -1.09
CA GLN D 59 -3.69 16.27 -0.63
C GLN D 59 -4.94 16.43 0.21
N SER D 60 -4.81 17.09 1.36
CA SER D 60 -5.96 17.34 2.21
C SER D 60 -6.93 18.12 1.33
N LEU D 61 -8.23 17.96 1.59
CA LEU D 61 -9.24 18.65 0.80
C LEU D 61 -9.59 20.01 1.38
N HIS D 62 -9.24 20.24 2.63
CA HIS D 62 -9.59 21.49 3.25
C HIS D 62 -8.44 22.13 4.01
N GLY D 63 -8.74 23.19 4.74
CA GLY D 63 -7.71 23.88 5.48
C GLY D 63 -6.65 24.33 4.50
N THR D 64 -5.39 24.30 4.93
CA THR D 64 -4.30 24.72 4.06
C THR D 64 -4.00 23.70 2.96
N LYS D 65 -4.77 22.61 2.95
CA LYS D 65 -4.63 21.57 1.93
C LYS D 65 -3.24 20.90 1.81
N ASP D 66 -2.64 20.61 2.95
CA ASP D 66 -1.32 19.98 2.93
C ASP D 66 -1.37 18.53 2.48
N TRP D 67 -0.24 18.05 2.01
CA TRP D 67 -0.14 16.65 1.63
C TRP D 67 -0.22 15.92 2.95
N VAL D 68 -0.91 14.79 2.99
CA VAL D 68 -1.06 14.03 4.21
C VAL D 68 -1.04 12.52 4.02
N THR D 69 -0.43 11.83 4.97
CA THR D 69 -0.40 10.39 4.95
C THR D 69 -0.51 10.01 6.42
N THR D 70 -1.28 8.97 6.72
CA THR D 70 -1.47 8.57 8.10
C THR D 70 -0.82 7.20 8.32
N VAL D 71 -0.28 7.01 9.51
CA VAL D 71 0.35 5.74 9.84
C VAL D 71 0.08 5.38 11.28
N TYR D 72 -0.07 4.09 11.53
CA TYR D 72 -0.21 3.58 12.86
C TYR D 72 1.06 2.83 13.13
N LEU D 73 1.83 3.30 14.09
CA LEU D 73 3.13 2.74 14.45
C LEU D 73 3.07 1.84 15.66
N TRP D 74 3.67 0.67 15.54
CA TRP D 74 3.71 -0.31 16.60
C TRP D 74 5.16 -0.64 16.96
N ASP D 75 5.39 -1.02 18.21
CA ASP D 75 6.71 -1.45 18.65
C ASP D 75 6.47 -2.50 19.74
N PRO D 76 7.49 -3.21 20.21
CA PRO D 76 7.34 -4.23 21.25
C PRO D 76 6.68 -3.84 22.60
N THR D 77 6.53 -2.55 22.88
CA THR D 77 5.94 -2.16 24.16
C THR D 77 4.42 -2.20 24.06
N CYS D 78 3.91 -2.53 22.87
CA CYS D 78 2.48 -2.64 22.60
C CYS D 78 2.17 -4.12 22.38
N ASP D 79 0.90 -4.51 22.54
CA ASP D 79 0.53 -5.90 22.31
C ASP D 79 0.06 -6.05 20.87
N THR D 80 0.25 -7.25 20.31
CA THR D 80 -0.15 -7.53 18.95
C THR D 80 -1.61 -7.13 18.73
N SER D 81 -2.33 -6.97 19.84
CA SER D 81 -3.74 -6.59 19.79
C SER D 81 -3.91 -5.11 19.45
N SER D 82 -2.90 -4.30 19.72
CA SER D 82 -2.96 -2.87 19.45
C SER D 82 -2.52 -2.48 18.03
N ILE D 83 -3.17 -1.45 17.47
CA ILE D 83 -2.81 -0.99 16.13
C ILE D 83 -1.60 -0.10 16.27
N GLY D 84 -1.45 0.48 17.45
CA GLY D 84 -0.33 1.37 17.70
C GLY D 84 -0.76 2.82 17.72
N LEU D 85 0.21 3.71 17.71
CA LEU D 85 -0.04 5.13 17.74
C LEU D 85 -0.42 5.68 16.37
N GLN D 86 -1.50 6.46 16.33
CA GLN D 86 -1.93 7.07 15.07
C GLN D 86 -1.09 8.34 14.86
N ILE D 87 -0.49 8.45 13.68
CA ILE D 87 0.32 9.61 13.37
C ILE D 87 -0.03 10.19 12.01
N HIS D 88 -0.26 11.49 11.95
CA HIS D 88 -0.55 12.15 10.69
C HIS D 88 0.70 12.88 10.26
N LEU D 89 1.17 12.58 9.06
CA LEU D 89 2.36 13.24 8.52
C LEU D 89 1.89 14.23 7.47
N PHE D 90 2.33 15.47 7.58
CA PHE D 90 1.94 16.53 6.65
C PHE D 90 3.12 17.18 5.96
N SER D 91 2.86 17.75 4.78
CA SER D 91 3.88 18.44 4.05
C SER D 91 3.29 19.61 3.27
N LYS D 92 3.73 20.82 3.62
CA LYS D 92 3.28 22.04 2.97
C LYS D 92 4.16 22.36 1.79
N GLN D 93 5.15 21.52 1.52
CA GLN D 93 6.05 21.72 0.40
C GLN D 93 5.98 20.58 -0.61
N GLY D 94 4.79 20.25 -1.06
CA GLY D 94 4.66 19.17 -2.02
C GLY D 94 4.64 17.82 -1.32
N ASN D 95 4.46 16.77 -2.10
CA ASN D 95 4.39 15.43 -1.54
C ASN D 95 5.75 14.76 -1.28
N ASP D 96 6.40 15.13 -0.18
CA ASP D 96 7.68 14.50 0.14
C ASP D 96 7.50 13.54 1.31
N LEU D 97 6.31 12.97 1.40
CA LEU D 97 5.96 12.04 2.47
C LEU D 97 6.37 10.60 2.18
N PRO D 98 6.56 9.80 3.24
CA PRO D 98 6.94 8.40 3.11
C PRO D 98 6.01 7.69 2.14
N VAL D 99 6.59 6.89 1.25
CA VAL D 99 5.78 6.13 0.31
C VAL D 99 5.79 4.72 0.87
N ILE D 100 4.77 4.42 1.66
CA ILE D 100 4.65 3.11 2.28
C ILE D 100 3.95 2.13 1.36
N LYS D 101 4.47 0.93 1.27
CA LYS D 101 3.85 -0.07 0.41
C LYS D 101 3.07 -1.13 1.18
N GLN D 102 3.49 -1.42 2.40
CA GLN D 102 2.77 -2.42 3.17
C GLN D 102 3.09 -2.42 4.66
N VAL D 103 2.15 -2.99 5.41
CA VAL D 103 2.27 -3.14 6.85
C VAL D 103 3.49 -4.05 7.09
N GLY D 104 4.25 -3.75 8.13
CA GLY D 104 5.42 -4.57 8.42
C GLY D 104 6.69 -3.79 8.20
N GLN D 105 6.60 -2.69 7.45
CA GLN D 105 7.75 -1.86 7.16
C GLN D 105 8.18 -1.02 8.36
N PRO D 106 9.46 -1.10 8.73
CA PRO D 106 9.96 -0.31 9.85
C PRO D 106 10.03 1.13 9.39
N LEU D 107 9.61 2.04 10.24
CA LEU D 107 9.62 3.46 9.92
C LEU D 107 10.20 4.22 11.08
N LEU D 108 11.11 5.13 10.76
CA LEU D 108 11.74 5.95 11.77
C LEU D 108 11.29 7.39 11.51
N LEU D 109 10.72 8.02 12.52
CA LEU D 109 10.23 9.39 12.39
C LEU D 109 10.95 10.35 13.32
N HIS D 110 11.42 11.45 12.74
CA HIS D 110 12.13 12.49 13.47
C HIS D 110 11.31 13.79 13.58
N GLN D 111 10.93 14.14 14.80
CA GLN D 111 10.20 15.35 15.11
C GLN D 111 8.69 15.23 14.86
N ILE D 112 8.04 14.52 15.79
CA ILE D 112 6.61 14.30 15.79
C ILE D 112 5.99 14.86 17.06
N THR D 113 4.99 15.73 16.91
CA THR D 113 4.31 16.29 18.06
C THR D 113 3.29 15.28 18.59
N LEU D 114 3.29 15.08 19.90
CA LEU D 114 2.35 14.20 20.54
C LEU D 114 1.32 15.13 21.17
N ARG D 115 0.05 14.86 20.93
CA ARG D 115 -1.00 15.68 21.51
C ARG D 115 -2.21 14.81 21.81
N SER D 116 -3.03 15.25 22.74
CA SER D 116 -4.22 14.51 23.12
C SER D 116 -5.38 14.90 22.22
N TYR D 117 -6.18 13.92 21.85
CA TYR D 117 -7.32 14.15 20.99
C TYR D 117 -8.32 13.03 21.19
N ARG D 118 -9.54 13.40 21.58
CA ARG D 118 -10.58 12.40 21.80
C ARG D 118 -10.15 11.35 22.83
N ASP D 119 -9.47 11.79 23.88
CA ASP D 119 -9.05 10.86 24.94
C ASP D 119 -7.96 9.87 24.53
N ARG D 120 -7.21 10.19 23.49
CA ARG D 120 -6.12 9.32 23.05
C ARG D 120 -4.98 10.21 22.56
N THR D 121 -3.76 9.71 22.66
CA THR D 121 -2.63 10.49 22.18
C THR D 121 -2.51 10.28 20.67
N GLN D 122 -2.21 11.34 19.96
CA GLN D 122 -2.10 11.26 18.53
C GLN D 122 -0.83 12.00 18.11
N GLY D 123 -0.21 11.54 17.03
CA GLY D 123 1.00 12.15 16.52
C GLY D 123 0.68 13.09 15.36
N LEU D 124 1.33 14.25 15.34
CA LEU D 124 1.21 15.28 14.28
C LEU D 124 2.61 15.63 13.90
N SER D 125 2.98 15.43 12.64
CA SER D 125 4.32 15.73 12.21
C SER D 125 4.65 17.21 12.33
N LYS D 126 5.88 17.48 12.77
CA LYS D 126 6.39 18.83 12.86
C LYS D 126 6.68 19.26 11.43
N ASP D 127 6.48 20.52 11.13
CA ASP D 127 6.70 21.03 9.78
C ASP D 127 7.99 20.54 9.14
N GLN D 128 9.01 20.33 9.95
CA GLN D 128 10.30 19.87 9.43
C GLN D 128 10.68 18.45 9.82
N PHE D 129 9.69 17.56 9.91
CA PHE D 129 9.98 16.17 10.28
C PHE D 129 10.78 15.49 9.19
N ARG D 130 11.52 14.45 9.57
CA ARG D 130 12.35 13.67 8.68
C ARG D 130 12.06 12.20 8.93
N TYR D 131 12.42 11.32 8.00
CA TYR D 131 12.15 9.91 8.22
C TYR D 131 13.08 8.97 7.45
N ALA D 132 13.03 7.74 7.83
CA ALA D 132 13.75 6.66 7.21
C ALA D 132 12.77 5.51 7.13
N LEU D 133 12.73 4.82 6.00
CA LEU D 133 11.80 3.72 5.80
C LEU D 133 12.54 2.51 5.25
N TRP D 134 12.26 1.34 5.81
CA TRP D 134 12.92 0.08 5.41
C TRP D 134 11.92 -0.95 4.81
N PRO D 135 12.45 -1.89 4.03
CA PRO D 135 11.65 -2.95 3.44
C PRO D 135 11.12 -3.80 4.57
N ASP D 136 10.02 -4.53 4.31
CA ASP D 136 9.45 -5.45 5.26
C ASP D 136 10.29 -6.69 5.11
N PHE D 137 11.45 -6.68 5.78
CA PHE D 137 12.41 -7.79 5.68
C PHE D 137 11.79 -9.17 5.72
N SER D 138 10.73 -9.35 6.52
CA SER D 138 10.09 -10.66 6.65
C SER D 138 9.28 -11.09 5.45
N SER D 139 8.96 -10.15 4.56
CA SER D 139 8.16 -10.49 3.39
C SER D 139 8.88 -11.35 2.37
N ASN D 140 8.13 -12.21 1.69
CA ASN D 140 8.72 -13.05 0.67
C ASN D 140 8.84 -12.28 -0.65
N SER D 141 8.24 -11.11 -0.77
CA SER D 141 8.37 -10.33 -2.01
C SER D 141 9.66 -9.51 -1.88
N LYS D 142 10.19 -8.96 -2.96
CA LYS D 142 11.43 -8.19 -2.77
C LYS D 142 11.24 -6.75 -3.16
N ASP D 143 9.98 -6.37 -3.32
CA ASP D 143 9.69 -5.00 -3.72
C ASP D 143 8.86 -4.26 -2.68
N THR D 144 9.03 -4.60 -1.40
CA THR D 144 8.27 -3.93 -0.37
C THR D 144 8.71 -2.48 -0.20
N LEU D 145 9.97 -2.17 -0.46
CA LEU D 145 10.43 -0.79 -0.32
C LEU D 145 10.46 -0.07 -1.66
N CYS D 146 9.70 1.01 -1.73
CA CYS D 146 9.57 1.83 -2.94
C CYS D 146 10.44 3.07 -2.93
N PRO D 147 10.73 3.58 -4.14
CA PRO D 147 11.57 4.77 -4.23
C PRO D 147 10.88 5.87 -3.36
N GLN D 148 11.68 6.69 -2.68
CA GLN D 148 11.11 7.72 -1.79
C GLN D 148 11.50 9.14 -2.09
N PRO D 149 10.54 10.05 -1.92
CA PRO D 149 10.91 11.45 -2.10
C PRO D 149 12.21 11.72 -1.33
N MET D 150 13.10 12.51 -1.89
CA MET D 150 14.37 12.73 -1.19
C MET D 150 14.40 13.86 -0.15
N PRO D 151 13.53 14.89 -0.27
CA PRO D 151 13.54 16.00 0.69
C PRO D 151 13.50 15.68 2.18
N ARG D 152 12.74 14.67 2.60
CA ARG D 152 12.64 14.39 4.01
C ARG D 152 13.42 13.16 4.45
N LEU D 153 14.06 12.48 3.49
CA LEU D 153 14.84 11.29 3.79
C LEU D 153 15.98 11.59 4.76
N MET D 154 16.12 10.72 5.75
CA MET D 154 17.15 10.86 6.75
C MET D 154 18.23 9.86 6.42
N LYS D 155 19.49 10.29 6.42
CA LYS D 155 20.58 9.38 6.12
C LYS D 155 20.81 8.49 7.34
N THR D 156 20.91 7.19 7.12
CA THR D 156 21.14 6.26 8.22
C THR D 156 22.15 5.19 7.81
N GLY D 157 22.79 4.59 8.81
CA GLY D 157 23.77 3.56 8.54
C GLY D 157 23.30 2.19 9.02
N ASP D 158 24.24 1.34 9.43
CA ASP D 158 23.92 0.00 9.88
C ASP D 158 23.31 -0.09 11.29
N LYS D 159 23.55 0.93 12.12
CA LYS D 159 23.01 0.94 13.47
C LYS D 159 21.48 1.04 13.47
N GLU D 160 20.94 1.88 12.61
CA GLU D 160 19.50 2.03 12.52
C GLU D 160 18.99 0.81 11.77
N GLU D 161 19.84 0.31 10.87
CA GLU D 161 19.54 -0.85 10.05
C GLU D 161 19.27 -2.08 10.92
N GLN D 162 20.12 -2.29 11.92
CA GLN D 162 19.98 -3.45 12.81
C GLN D 162 18.70 -3.41 13.61
N PHE D 163 18.39 -2.24 14.15
CA PHE D 163 17.18 -2.10 14.96
C PHE D 163 15.93 -2.28 14.11
N ALA D 164 15.93 -1.75 12.88
CA ALA D 164 14.78 -1.89 12.01
C ALA D 164 14.55 -3.39 11.80
N LEU D 165 15.65 -4.11 11.58
CA LEU D 165 15.60 -5.55 11.39
C LEU D 165 14.97 -6.26 12.57
N LEU D 166 15.44 -5.90 13.77
CA LEU D 166 14.94 -6.49 15.00
C LEU D 166 13.46 -6.19 15.17
N LEU D 167 13.10 -4.93 14.99
CA LEU D 167 11.71 -4.50 15.10
C LEU D 167 10.83 -5.38 14.22
N ASN D 168 11.25 -5.54 12.98
CA ASN D 168 10.52 -6.35 12.01
C ASN D 168 10.48 -7.82 12.39
N LYS D 169 11.60 -8.35 12.90
CA LYS D 169 11.65 -9.75 13.30
C LYS D 169 10.65 -9.98 14.44
N ILE D 170 10.64 -9.09 15.41
CA ILE D 170 9.70 -9.24 16.53
C ILE D 170 8.27 -9.11 16.05
N TRP D 171 8.02 -8.16 15.15
CA TRP D 171 6.68 -7.97 14.62
C TRP D 171 6.23 -9.24 13.91
N ASP D 172 7.09 -9.75 13.04
CA ASP D 172 6.76 -10.96 12.28
C ASP D 172 6.48 -12.17 13.18
N GLU D 173 7.32 -12.37 14.17
CA GLU D 173 7.14 -13.49 15.09
C GLU D 173 5.79 -13.38 15.79
N GLN D 174 5.48 -12.19 16.30
CA GLN D 174 4.21 -11.98 16.99
C GLN D 174 3.00 -11.98 16.06
N THR D 175 3.24 -11.86 14.77
CA THR D 175 2.14 -11.86 13.81
C THR D 175 1.80 -13.29 13.43
N ASN D 176 2.74 -14.01 12.82
CA ASN D 176 2.52 -15.39 12.44
C ASN D 176 2.99 -16.33 13.57
#